data_5VBR
#
_entry.id   5VBR
#
_cell.length_a   65.450
_cell.length_b   31.050
_cell.length_c   69.800
_cell.angle_alpha   90.000
_cell.angle_beta   97.090
_cell.angle_gamma   90.000
#
_symmetry.space_group_name_H-M   'P 1 21 1'
#
loop_
_entity.id
_entity.type
_entity.pdbx_description
1 polymer 'Bromodomain testis-specific protein'
2 non-polymer N-{trans-4-[4-(cyclopropylmethyl)piperazin-1-yl]cyclohexyl}-4-{[(7R)-7-ethyl-5-methyl-8-(1-methylethyl)-6-oxo-5,6,7,8-tetrahydropteridin-2-yl]amino}-3-methoxybenzamide
3 non-polymer 1,2-ETHANEDIOL
4 non-polymer 'CHLORIDE ION'
5 water water
#
_entity_poly.entity_id   1
_entity_poly.type   'polypeptide(L)'
_entity_poly.pdbx_seq_one_letter_code
;GAASTNQLQYLQKVVLKDLWKHSFSWPFQRPVDAVKLQLPDYYTIIKNPMDLNTIKKRLENKYYAKASECIEDFNTMFSN
CYLYNKPGDDIVLMAQALEKLFMQKLSQMPQEE
;
_entity_poly.pdbx_strand_id   A,B
#
loop_
_chem_comp.id
_chem_comp.type
_chem_comp.name
_chem_comp.formula
CL non-polymer 'CHLORIDE ION' 'Cl -1'
EDO non-polymer 1,2-ETHANEDIOL 'C2 H6 O2'
IBI non-polymer N-{trans-4-[4-(cyclopropylmethyl)piperazin-1-yl]cyclohexyl}-4-{[(7R)-7-ethyl-5-methyl-8-(1-methylethyl)-6-oxo-5,6,7,8-tetrahydropteridin-2-yl]amino}-3-methoxybenzamide 'C34 H50 N8 O3'
#
# COMPACT_ATOMS: atom_id res chain seq x y z
N GLY A 1 27.34 3.28 -1.16
CA GLY A 1 27.46 2.95 -2.57
C GLY A 1 26.34 3.55 -3.39
N ALA A 2 25.95 2.84 -4.45
CA ALA A 2 24.92 3.31 -5.38
C ALA A 2 23.59 3.60 -4.67
N ALA A 3 22.78 4.43 -5.30
CA ALA A 3 21.47 4.81 -4.76
C ALA A 3 20.62 3.60 -4.41
N SER A 4 20.55 2.64 -5.32
CA SER A 4 19.75 1.43 -5.10
C SER A 4 20.23 0.65 -3.88
N THR A 5 21.55 0.65 -3.66
CA THR A 5 22.13 -0.03 -2.51
C THR A 5 21.75 0.73 -1.24
N ASN A 6 21.87 2.04 -1.26
CA ASN A 6 21.50 2.86 -0.10
C ASN A 6 20.03 2.69 0.24
N GLN A 7 19.20 2.50 -0.78
CA GLN A 7 17.76 2.39 -0.58
C GLN A 7 17.38 1.11 0.15
N LEU A 8 17.91 -0.03 -0.32
CA LEU A 8 17.70 -1.31 0.33
C LEU A 8 18.34 -1.33 1.72
N GLN A 9 19.49 -0.68 1.86
CA GLN A 9 20.12 -0.60 3.18
C GLN A 9 19.25 0.21 4.13
N TYR A 10 18.67 1.29 3.62
CA TYR A 10 17.78 2.14 4.41
C TYR A 10 16.55 1.36 4.87
N LEU A 11 15.97 0.58 3.96
CA LEU A 11 14.79 -0.22 4.30
C LEU A 11 15.09 -1.19 5.43
N GLN A 12 16.29 -1.77 5.43
CA GLN A 12 16.66 -2.74 6.46
C GLN A 12 17.05 -2.07 7.77
N LYS A 13 17.99 -1.14 7.68
CA LYS A 13 18.65 -0.62 8.87
C LYS A 13 17.82 0.40 9.62
N VAL A 14 16.90 1.05 8.92
CA VAL A 14 16.10 2.14 9.49
C VAL A 14 14.62 1.82 9.49
N VAL A 15 14.05 1.57 8.32
CA VAL A 15 12.61 1.42 8.20
C VAL A 15 12.09 0.17 8.93
N LEU A 16 12.67 -0.98 8.60
CA LEU A 16 12.29 -2.23 9.25
C LEU A 16 12.55 -2.14 10.75
N LYS A 17 13.70 -1.60 11.12
CA LYS A 17 14.09 -1.55 12.52
C LYS A 17 13.15 -0.63 13.31
N ASP A 18 12.81 0.52 12.75
CA ASP A 18 11.92 1.45 13.44
C ASP A 18 10.50 0.91 13.53
N LEU A 19 10.03 0.19 12.50
CA LEU A 19 8.71 -0.42 12.58
C LEU A 19 8.69 -1.47 13.69
N TRP A 20 9.74 -2.28 13.75
CA TRP A 20 9.83 -3.36 14.74
C TRP A 20 9.81 -2.80 16.17
N LYS A 21 10.49 -1.67 16.36
CA LYS A 21 10.56 -1.06 17.68
C LYS A 21 9.23 -0.44 18.11
N HIS A 22 8.40 -0.09 17.13
CA HIS A 22 7.11 0.52 17.41
C HIS A 22 6.28 -0.45 18.25
N SER A 23 5.54 0.08 19.23
CA SER A 23 4.75 -0.73 20.17
C SER A 23 3.68 -1.60 19.53
N PHE A 24 3.21 -1.21 18.35
CA PHE A 24 2.16 -1.98 17.68
C PHE A 24 2.71 -3.02 16.70
N SER A 25 4.01 -3.25 16.68
CA SER A 25 4.57 -4.18 15.70
C SER A 25 4.33 -5.64 16.04
N TRP A 26 4.06 -5.93 17.31
CA TRP A 26 4.07 -7.32 17.77
C TRP A 26 3.17 -8.29 16.95
N PRO A 27 2.00 -7.85 16.44
CA PRO A 27 1.25 -8.88 15.69
C PRO A 27 1.86 -9.19 14.34
N PHE A 28 2.74 -8.31 13.86
CA PHE A 28 3.30 -8.44 12.51
C PHE A 28 4.73 -8.99 12.53
N GLN A 29 5.23 -9.37 13.70
CA GLN A 29 6.59 -9.86 13.83
C GLN A 29 6.79 -11.31 13.39
N ARG A 30 5.73 -12.08 13.24
CA ARG A 30 5.86 -13.46 12.82
C ARG A 30 4.72 -13.81 11.88
N PRO A 31 4.88 -14.86 11.06
CA PRO A 31 3.74 -15.30 10.26
C PRO A 31 2.56 -15.70 11.15
N VAL A 32 1.35 -15.44 10.66
CA VAL A 32 0.14 -15.86 11.37
C VAL A 32 0.13 -17.37 11.57
N ASP A 33 0.05 -17.79 12.83
CA ASP A 33 -0.08 -19.20 13.21
C ASP A 33 -1.57 -19.49 13.35
N ALA A 34 -2.16 -20.11 12.33
CA ALA A 34 -3.61 -20.24 12.24
C ALA A 34 -4.16 -21.19 13.29
N VAL A 35 -3.37 -22.21 13.64
CA VAL A 35 -3.79 -23.14 14.67
C VAL A 35 -3.75 -22.44 16.03
N LYS A 36 -2.66 -21.74 16.33
CA LYS A 36 -2.54 -21.08 17.63
C LYS A 36 -3.65 -20.06 17.84
N LEU A 37 -3.93 -19.27 16.82
CA LEU A 37 -4.86 -18.15 16.96
C LEU A 37 -6.31 -18.58 16.74
N GLN A 38 -6.51 -19.85 16.39
CA GLN A 38 -7.86 -20.42 16.21
C GLN A 38 -8.57 -19.79 15.00
N LEU A 39 -7.83 -19.67 13.89
CA LEU A 39 -8.34 -19.06 12.68
C LEU A 39 -8.15 -19.95 11.45
N PRO A 40 -8.94 -21.02 11.35
CA PRO A 40 -8.80 -21.93 10.21
C PRO A 40 -8.92 -21.23 8.85
N ASP A 41 -9.62 -20.11 8.76
CA ASP A 41 -9.85 -19.52 7.43
C ASP A 41 -8.78 -18.55 7.00
N TYR A 42 -7.74 -18.36 7.81
CA TYR A 42 -6.82 -17.26 7.51
C TYR A 42 -6.13 -17.46 6.18
N TYR A 43 -5.58 -18.65 5.94
CA TYR A 43 -4.81 -18.85 4.72
C TYR A 43 -5.70 -19.27 3.55
N THR A 44 -7.00 -19.39 3.83
CA THR A 44 -7.99 -19.49 2.77
C THR A 44 -8.24 -18.10 2.17
N ILE A 45 -8.24 -17.09 3.03
CA ILE A 45 -8.56 -15.74 2.62
C ILE A 45 -7.32 -14.98 2.14
N ILE A 46 -6.22 -15.14 2.86
CA ILE A 46 -4.97 -14.45 2.55
C ILE A 46 -4.02 -15.38 1.78
N LYS A 47 -3.83 -15.13 0.49
CA LYS A 47 -3.02 -16.02 -0.35
C LYS A 47 -1.62 -15.49 -0.55
N ASN A 48 -1.38 -14.26 -0.15
CA ASN A 48 -0.02 -13.72 -0.15
C ASN A 48 0.34 -13.19 1.24
N PRO A 49 0.45 -14.09 2.22
CA PRO A 49 0.77 -13.70 3.60
C PRO A 49 2.12 -13.02 3.66
N MET A 50 2.29 -12.08 4.58
CA MET A 50 3.56 -11.41 4.70
C MET A 50 3.67 -10.87 6.13
N ASP A 51 4.90 -10.78 6.62
CA ASP A 51 5.17 -10.35 7.98
C ASP A 51 6.57 -9.76 8.05
N LEU A 52 6.87 -9.03 9.12
CA LEU A 52 8.15 -8.34 9.26
C LEU A 52 9.35 -9.27 9.34
N ASN A 53 9.15 -10.47 9.89
CA ASN A 53 10.29 -11.37 10.03
C ASN A 53 10.67 -11.94 8.66
N THR A 54 9.66 -12.22 7.84
CA THR A 54 9.92 -12.67 6.48
C THR A 54 10.67 -11.58 5.71
N ILE A 55 10.22 -10.34 5.85
CA ILE A 55 10.90 -9.21 5.23
C ILE A 55 12.34 -9.08 5.76
N LYS A 56 12.51 -9.18 7.07
CA LYS A 56 13.84 -9.15 7.68
C LYS A 56 14.77 -10.19 7.06
N LYS A 57 14.30 -11.43 6.98
CA LYS A 57 15.13 -12.51 6.42
C LYS A 57 15.48 -12.26 4.96
N ARG A 58 14.51 -11.77 4.20
CA ARG A 58 14.74 -11.50 2.79
C ARG A 58 15.79 -10.40 2.60
N LEU A 59 15.71 -9.34 3.41
CA LEU A 59 16.73 -8.30 3.36
C LEU A 59 18.11 -8.84 3.77
N GLU A 60 18.16 -9.63 4.84
CA GLU A 60 19.42 -10.25 5.26
C GLU A 60 19.99 -11.17 4.18
N ASN A 61 19.11 -11.88 3.47
CA ASN A 61 19.53 -12.87 2.48
C ASN A 61 19.80 -12.27 1.10
N LYS A 62 19.67 -10.95 1.00
CA LYS A 62 19.86 -10.21 -0.25
C LYS A 62 18.88 -10.70 -1.33
N TYR A 63 17.69 -11.09 -0.88
CA TYR A 63 16.64 -11.63 -1.73
C TYR A 63 16.09 -10.60 -2.74
N TYR A 64 15.85 -9.37 -2.27
CA TYR A 64 15.30 -8.33 -3.13
C TYR A 64 16.36 -7.76 -4.08
N ALA A 65 16.00 -7.62 -5.35
CA ALA A 65 16.91 -7.02 -6.33
C ALA A 65 16.87 -5.50 -6.26
N LYS A 66 15.73 -4.96 -5.83
CA LYS A 66 15.56 -3.51 -5.76
C LYS A 66 14.55 -3.11 -4.68
N ALA A 67 14.64 -1.86 -4.23
CA ALA A 67 13.83 -1.39 -3.11
C ALA A 67 12.33 -1.59 -3.32
N SER A 68 11.86 -1.37 -4.55
CA SER A 68 10.43 -1.48 -4.84
C SER A 68 9.85 -2.84 -4.45
N GLU A 69 10.61 -3.92 -4.67
CA GLU A 69 10.16 -5.28 -4.35
C GLU A 69 9.94 -5.47 -2.85
N CYS A 70 10.81 -4.86 -2.06
CA CYS A 70 10.68 -4.92 -0.61
C CYS A 70 9.49 -4.07 -0.14
N ILE A 71 9.34 -2.89 -0.72
CA ILE A 71 8.19 -2.04 -0.40
C ILE A 71 6.87 -2.73 -0.72
N GLU A 72 6.85 -3.49 -1.81
CA GLU A 72 5.67 -4.30 -2.14
C GLU A 72 5.28 -5.24 -1.01
N ASP A 73 6.27 -5.89 -0.40
CA ASP A 73 5.99 -6.81 0.69
C ASP A 73 5.44 -6.06 1.91
N PHE A 74 6.01 -4.90 2.23
CA PHE A 74 5.46 -4.09 3.34
C PHE A 74 3.99 -3.76 3.08
N ASN A 75 3.71 -3.30 1.87
CA ASN A 75 2.34 -2.92 1.52
C ASN A 75 1.39 -4.10 1.55
N THR A 76 1.85 -5.24 1.05
CA THR A 76 1.07 -6.47 1.13
C THR A 76 0.69 -6.83 2.58
N MET A 77 1.63 -6.64 3.50
CA MET A 77 1.38 -6.91 4.92
C MET A 77 0.21 -6.06 5.44
N PHE A 78 0.25 -4.77 5.11
CA PHE A 78 -0.82 -3.87 5.53
C PHE A 78 -2.14 -4.21 4.83
N SER A 79 -2.07 -4.45 3.52
CA SER A 79 -3.28 -4.77 2.75
C SER A 79 -3.96 -6.02 3.27
N ASN A 80 -3.15 -7.03 3.60
CA ASN A 80 -3.68 -8.27 4.17
C ASN A 80 -4.51 -8.00 5.41
N CYS A 81 -3.97 -7.15 6.28
CA CYS A 81 -4.64 -6.81 7.54
C CYS A 81 -5.96 -6.10 7.27
N TYR A 82 -5.95 -5.15 6.34
CA TYR A 82 -7.18 -4.40 6.00
C TYR A 82 -8.22 -5.33 5.37
N LEU A 83 -7.75 -6.26 4.53
CA LEU A 83 -8.67 -7.17 3.86
C LEU A 83 -9.31 -8.19 4.78
N TYR A 84 -8.51 -8.81 5.65
CA TYR A 84 -9.00 -9.91 6.47
C TYR A 84 -9.92 -9.42 7.58
N ASN A 85 -9.59 -8.27 8.12
CA ASN A 85 -10.27 -7.77 9.31
C ASN A 85 -11.39 -6.80 8.95
N LYS A 86 -11.96 -6.15 9.95
CA LYS A 86 -13.11 -5.27 9.72
C LYS A 86 -12.83 -3.85 10.21
N PRO A 87 -13.51 -2.86 9.61
CA PRO A 87 -13.41 -1.47 10.07
C PRO A 87 -13.63 -1.39 11.57
N GLY A 88 -12.81 -0.60 12.24
CA GLY A 88 -12.94 -0.41 13.69
C GLY A 88 -12.26 -1.45 14.56
N ASP A 89 -11.81 -2.56 13.99
CA ASP A 89 -11.07 -3.58 14.76
C ASP A 89 -9.78 -3.01 15.32
N ASP A 90 -9.42 -3.41 16.53
CA ASP A 90 -8.18 -2.93 17.10
C ASP A 90 -6.98 -3.20 16.20
N ILE A 91 -6.96 -4.39 15.58
CA ILE A 91 -5.79 -4.75 14.77
C ILE A 91 -5.64 -3.77 13.60
N VAL A 92 -6.75 -3.28 13.08
CA VAL A 92 -6.71 -2.35 11.94
C VAL A 92 -6.16 -1.00 12.39
N LEU A 93 -6.63 -0.51 13.54
CA LEU A 93 -6.09 0.71 14.12
C LEU A 93 -4.57 0.63 14.30
N MET A 94 -4.11 -0.51 14.79
CA MET A 94 -2.70 -0.72 14.99
C MET A 94 -1.94 -0.69 13.67
N ALA A 95 -2.45 -1.42 12.68
CA ALA A 95 -1.85 -1.44 11.36
C ALA A 95 -1.78 -0.05 10.76
N GLN A 96 -2.86 0.73 10.96
CA GLN A 96 -2.89 2.08 10.40
C GLN A 96 -1.80 2.95 11.02
N ALA A 97 -1.57 2.80 12.32
CA ALA A 97 -0.54 3.59 12.99
C ALA A 97 0.85 3.17 12.51
N LEU A 98 1.05 1.86 12.38
CA LEU A 98 2.30 1.34 11.86
C LEU A 98 2.52 1.78 10.41
N GLU A 99 1.46 1.77 9.61
CA GLU A 99 1.58 2.19 8.22
C GLU A 99 1.95 3.65 8.11
N LYS A 100 1.39 4.47 8.99
CA LYS A 100 1.73 5.89 9.00
C LYS A 100 3.23 6.08 9.22
N LEU A 101 3.78 5.36 10.20
CA LEU A 101 5.22 5.41 10.44
C LEU A 101 5.98 4.96 9.19
N PHE A 102 5.52 3.86 8.60
CA PHE A 102 6.10 3.38 7.35
C PHE A 102 6.14 4.46 6.27
N MET A 103 4.99 5.09 6.00
CA MET A 103 4.91 6.18 5.02
C MET A 103 5.88 7.32 5.33
N GLN A 104 5.97 7.68 6.62
CA GLN A 104 6.89 8.75 7.01
C GLN A 104 8.33 8.39 6.71
N LYS A 105 8.71 7.14 6.97
CA LYS A 105 10.09 6.72 6.75
C LYS A 105 10.36 6.64 5.25
N LEU A 106 9.36 6.16 4.51
CA LEU A 106 9.42 6.14 3.05
C LEU A 106 9.62 7.52 2.44
N SER A 107 8.99 8.53 3.03
CA SER A 107 9.07 9.88 2.50
C SER A 107 10.51 10.39 2.47
N GLN A 108 11.39 9.75 3.24
CA GLN A 108 12.78 10.19 3.35
C GLN A 108 13.73 9.27 2.63
N MET A 109 13.17 8.34 1.86
CA MET A 109 13.94 7.46 1.00
C MET A 109 14.90 8.26 0.11
N PRO A 110 16.21 7.96 0.21
CA PRO A 110 17.20 8.68 -0.59
C PRO A 110 17.03 8.40 -2.08
N GLN A 111 17.27 9.40 -2.91
CA GLN A 111 17.13 9.24 -4.36
C GLN A 111 18.44 9.57 -5.07
N GLU A 112 19.42 10.06 -4.31
CA GLU A 112 20.70 10.45 -4.87
C GLU A 112 21.84 9.59 -4.33
N SER B 4 13.94 19.03 -9.22
CA SER B 4 13.63 17.74 -9.84
C SER B 4 12.14 17.45 -9.79
N THR B 5 11.59 16.98 -10.90
CA THR B 5 10.15 16.77 -11.01
C THR B 5 9.80 15.55 -11.85
N ASN B 6 10.80 14.85 -12.36
CA ASN B 6 10.57 13.77 -13.33
C ASN B 6 9.86 12.55 -12.73
N GLN B 7 9.92 12.37 -11.43
CA GLN B 7 9.20 11.27 -10.80
C GLN B 7 7.70 11.58 -10.73
N LEU B 8 7.37 12.82 -10.40
CA LEU B 8 5.97 13.25 -10.42
C LEU B 8 5.42 13.24 -11.86
N GLN B 9 6.23 13.64 -12.83
CA GLN B 9 5.80 13.58 -14.24
C GLN B 9 5.55 12.12 -14.67
N TYR B 10 6.38 11.20 -14.22
CA TYR B 10 6.18 9.78 -14.51
C TYR B 10 4.86 9.28 -13.93
N LEU B 11 4.57 9.67 -12.69
CA LEU B 11 3.34 9.28 -12.02
C LEU B 11 2.12 9.82 -12.76
N GLN B 12 2.26 10.98 -13.36
CA GLN B 12 1.16 11.61 -14.08
C GLN B 12 0.99 11.03 -15.48
N LYS B 13 2.06 11.06 -16.26
CA LYS B 13 1.99 10.75 -17.70
C LYS B 13 2.02 9.25 -18.00
N VAL B 14 2.52 8.46 -17.06
CA VAL B 14 2.60 7.01 -17.27
C VAL B 14 1.69 6.24 -16.31
N VAL B 15 1.89 6.41 -15.00
CA VAL B 15 1.20 5.58 -14.03
C VAL B 15 -0.29 5.86 -13.98
N LEU B 16 -0.65 7.12 -13.79
CA LEU B 16 -2.07 7.50 -13.75
C LEU B 16 -2.74 7.16 -15.08
N LYS B 17 -2.08 7.52 -16.18
CA LYS B 17 -2.61 7.25 -17.51
C LYS B 17 -2.89 5.74 -17.71
N ASP B 18 -1.93 4.90 -17.35
CA ASP B 18 -2.06 3.49 -17.60
C ASP B 18 -3.12 2.86 -16.69
N LEU B 19 -3.21 3.31 -15.44
CA LEU B 19 -4.25 2.81 -14.54
C LEU B 19 -5.62 3.17 -15.09
N TRP B 20 -5.77 4.40 -15.55
CA TRP B 20 -7.06 4.88 -16.06
C TRP B 20 -7.51 4.06 -17.28
N LYS B 21 -6.57 3.73 -18.15
CA LYS B 21 -6.86 2.95 -19.35
C LYS B 21 -7.20 1.50 -19.05
N HIS B 22 -6.80 1.00 -17.88
CA HIS B 22 -7.12 -0.37 -17.49
C HIS B 22 -8.64 -0.53 -17.40
N SER B 23 -9.17 -1.65 -17.90
CA SER B 23 -10.61 -1.83 -17.94
C SER B 23 -11.23 -2.00 -16.54
N PHE B 24 -10.42 -2.19 -15.51
CA PHE B 24 -10.98 -2.24 -14.14
C PHE B 24 -10.94 -0.89 -13.43
N SER B 25 -10.57 0.19 -14.13
CA SER B 25 -10.41 1.47 -13.45
C SER B 25 -11.73 2.16 -13.12
N TRP B 26 -12.82 1.76 -13.78
CA TRP B 26 -14.06 2.54 -13.71
C TRP B 26 -14.62 2.77 -12.29
N PRO B 27 -14.52 1.80 -11.36
CA PRO B 27 -15.06 2.17 -10.05
C PRO B 27 -14.22 3.18 -9.29
N PHE B 28 -13.00 3.40 -9.75
CA PHE B 28 -12.05 4.23 -9.01
C PHE B 28 -11.83 5.59 -9.69
N GLN B 29 -12.58 5.86 -10.74
CA GLN B 29 -12.41 7.07 -11.50
C GLN B 29 -13.01 8.31 -10.84
N ARG B 30 -14.00 8.11 -9.98
CA ARG B 30 -14.65 9.23 -9.30
C ARG B 30 -14.84 8.92 -7.82
N PRO B 31 -15.04 9.96 -6.98
CA PRO B 31 -15.34 9.68 -5.57
C PRO B 31 -16.63 8.88 -5.41
N VAL B 32 -16.69 8.05 -4.38
CA VAL B 32 -17.88 7.25 -4.11
C VAL B 32 -19.10 8.15 -3.82
N ASP B 33 -20.17 7.92 -4.58
CA ASP B 33 -21.44 8.60 -4.35
C ASP B 33 -22.30 7.71 -3.45
N ALA B 34 -22.30 8.01 -2.14
CA ALA B 34 -22.91 7.12 -1.15
C ALA B 34 -24.42 7.03 -1.32
N VAL B 35 -25.04 8.12 -1.74
CA VAL B 35 -26.48 8.10 -1.91
C VAL B 35 -26.85 7.25 -3.13
N LYS B 36 -26.18 7.51 -4.26
CA LYS B 36 -26.44 6.76 -5.49
C LYS B 36 -26.24 5.26 -5.27
N LEU B 37 -25.16 4.89 -4.59
CA LEU B 37 -24.83 3.47 -4.42
C LEU B 37 -25.56 2.80 -3.26
N GLN B 38 -26.36 3.56 -2.53
CA GLN B 38 -27.16 3.08 -1.39
C GLN B 38 -26.26 2.59 -0.25
N LEU B 39 -25.19 3.33 0.01
CA LEU B 39 -24.22 2.94 1.03
C LEU B 39 -24.00 4.03 2.08
N PRO B 40 -24.99 4.24 2.95
CA PRO B 40 -24.88 5.32 3.93
C PRO B 40 -23.63 5.23 4.82
N ASP B 41 -23.09 4.03 5.04
CA ASP B 41 -21.95 3.90 5.96
C ASP B 41 -20.57 4.12 5.33
N TYR B 42 -20.51 4.44 4.04
CA TYR B 42 -19.19 4.41 3.38
C TYR B 42 -18.24 5.45 3.98
N TYR B 43 -18.69 6.69 4.16
CA TYR B 43 -17.84 7.74 4.68
C TYR B 43 -17.79 7.75 6.20
N THR B 44 -18.58 6.88 6.81
CA THR B 44 -18.41 6.57 8.23
C THR B 44 -17.19 5.66 8.38
N ILE B 45 -17.06 4.73 7.46
CA ILE B 45 -15.97 3.75 7.49
C ILE B 45 -14.68 4.27 6.87
N ILE B 46 -14.79 4.98 5.74
CA ILE B 46 -13.61 5.47 5.02
C ILE B 46 -13.42 6.97 5.28
N LYS B 47 -12.42 7.31 6.08
CA LYS B 47 -12.21 8.69 6.52
C LYS B 47 -11.18 9.40 5.64
N ASN B 48 -10.43 8.63 4.85
CA ASN B 48 -9.52 9.21 3.87
C ASN B 48 -9.83 8.68 2.46
N PRO B 49 -11.00 9.05 1.92
CA PRO B 49 -11.40 8.55 0.60
C PRO B 49 -10.49 9.05 -0.51
N MET B 50 -10.29 8.25 -1.54
CA MET B 50 -9.43 8.65 -2.63
C MET B 50 -9.87 8.00 -3.93
N ASP B 51 -9.64 8.70 -5.03
CA ASP B 51 -10.03 8.23 -6.35
C ASP B 51 -9.04 8.77 -7.37
N LEU B 52 -9.05 8.22 -8.58
CA LEU B 52 -8.06 8.60 -9.57
C LEU B 52 -8.23 10.03 -10.07
N ASN B 53 -9.47 10.53 -10.08
CA ASN B 53 -9.68 11.89 -10.56
C ASN B 53 -9.14 12.92 -9.58
N THR B 54 -9.22 12.61 -8.28
CA THR B 54 -8.67 13.51 -7.27
C THR B 54 -7.15 13.56 -7.42
N ILE B 55 -6.54 12.40 -7.62
CA ILE B 55 -5.12 12.30 -7.89
C ILE B 55 -4.74 13.06 -9.16
N LYS B 56 -5.53 12.87 -10.22
CA LYS B 56 -5.34 13.59 -11.48
C LYS B 56 -5.33 15.10 -11.28
N LYS B 57 -6.34 15.61 -10.58
CA LYS B 57 -6.43 17.04 -10.31
C LYS B 57 -5.27 17.54 -9.47
N ARG B 58 -4.91 16.78 -8.44
CA ARG B 58 -3.81 17.15 -7.58
C ARG B 58 -2.49 17.23 -8.37
N LEU B 59 -2.30 16.32 -9.31
CA LEU B 59 -1.10 16.34 -10.14
C LEU B 59 -1.12 17.56 -11.07
N GLU B 60 -2.28 17.86 -11.63
CA GLU B 60 -2.43 19.00 -12.52
C GLU B 60 -2.17 20.32 -11.80
N ASN B 61 -2.51 20.36 -10.52
CA ASN B 61 -2.46 21.59 -9.73
C ASN B 61 -1.20 21.71 -8.88
N LYS B 62 -0.24 20.80 -9.10
CA LYS B 62 1.03 20.81 -8.39
C LYS B 62 0.81 20.77 -6.87
N TYR B 63 -0.17 19.99 -6.47
CA TYR B 63 -0.51 19.78 -5.07
C TYR B 63 0.57 19.01 -4.32
N TYR B 64 1.16 18.02 -4.99
CA TYR B 64 2.20 17.19 -4.36
C TYR B 64 3.57 17.86 -4.44
N ALA B 65 4.22 18.01 -3.30
CA ALA B 65 5.59 18.51 -3.27
C ALA B 65 6.58 17.40 -3.61
N LYS B 66 6.22 16.16 -3.25
CA LYS B 66 7.10 15.02 -3.44
C LYS B 66 6.34 13.85 -4.04
N ALA B 67 7.03 13.01 -4.81
CA ALA B 67 6.41 11.84 -5.46
C ALA B 67 5.80 10.89 -4.44
N SER B 68 6.45 10.77 -3.29
CA SER B 68 6.00 9.87 -2.23
C SER B 68 4.60 10.23 -1.76
N GLU B 69 4.26 11.50 -1.78
CA GLU B 69 2.93 11.93 -1.35
C GLU B 69 1.85 11.48 -2.32
N CYS B 70 2.19 11.45 -3.59
CA CYS B 70 1.28 10.97 -4.63
C CYS B 70 1.11 9.46 -4.52
N ILE B 71 2.23 8.77 -4.35
CA ILE B 71 2.19 7.33 -4.16
C ILE B 71 1.33 6.96 -2.92
N GLU B 72 1.37 7.78 -1.88
CA GLU B 72 0.53 7.55 -0.71
C GLU B 72 -0.95 7.58 -1.07
N ASP B 73 -1.33 8.50 -1.95
CA ASP B 73 -2.74 8.60 -2.31
C ASP B 73 -3.18 7.37 -3.12
N PHE B 74 -2.34 6.89 -4.05
CA PHE B 74 -2.67 5.65 -4.77
C PHE B 74 -2.88 4.49 -3.79
N ASN B 75 -1.97 4.34 -2.85
CA ASN B 75 -2.05 3.24 -1.89
C ASN B 75 -3.28 3.33 -1.01
N THR B 76 -3.64 4.55 -0.63
CA THR B 76 -4.84 4.81 0.15
C THR B 76 -6.09 4.34 -0.59
N MET B 77 -6.17 4.67 -1.88
CA MET B 77 -7.27 4.22 -2.72
C MET B 77 -7.43 2.69 -2.68
N PHE B 78 -6.34 1.94 -2.83
CA PHE B 78 -6.40 0.48 -2.71
C PHE B 78 -6.75 0.02 -1.29
N SER B 79 -6.09 0.59 -0.28
CA SER B 79 -6.34 0.19 1.11
C SER B 79 -7.80 0.40 1.49
N ASN B 80 -8.39 1.50 1.02
CA ASN B 80 -9.80 1.79 1.29
C ASN B 80 -10.68 0.65 0.77
N CYS B 81 -10.36 0.22 -0.44
CA CYS B 81 -11.13 -0.84 -1.08
C CYS B 81 -11.02 -2.13 -0.27
N TYR B 82 -9.81 -2.47 0.15
CA TYR B 82 -9.59 -3.70 0.91
C TYR B 82 -10.27 -3.61 2.28
N LEU B 83 -10.25 -2.44 2.89
CA LEU B 83 -10.84 -2.28 4.21
C LEU B 83 -12.37 -2.32 4.20
N TYR B 84 -12.96 -1.60 3.26
CA TYR B 84 -14.42 -1.50 3.22
C TYR B 84 -15.08 -2.80 2.81
N ASN B 85 -14.49 -3.49 1.85
CA ASN B 85 -15.15 -4.63 1.24
C ASN B 85 -14.71 -5.94 1.91
N LYS B 86 -15.11 -7.08 1.33
CA LYS B 86 -14.85 -8.39 1.93
C LYS B 86 -14.03 -9.26 1.00
N PRO B 87 -13.29 -10.23 1.57
CA PRO B 87 -12.56 -11.21 0.76
C PRO B 87 -13.47 -11.86 -0.26
N GLY B 88 -12.99 -11.99 -1.49
CA GLY B 88 -13.75 -12.65 -2.52
C GLY B 88 -14.64 -11.74 -3.34
N ASP B 89 -14.89 -10.52 -2.86
CA ASP B 89 -15.74 -9.55 -3.60
C ASP B 89 -15.15 -9.21 -4.95
N ASP B 90 -15.98 -9.06 -5.98
CA ASP B 90 -15.46 -8.67 -7.28
C ASP B 90 -14.66 -7.38 -7.22
N ILE B 91 -15.12 -6.42 -6.43
CA ILE B 91 -14.44 -5.11 -6.38
C ILE B 91 -13.01 -5.27 -5.86
N VAL B 92 -12.80 -6.22 -4.95
CA VAL B 92 -11.48 -6.50 -4.42
C VAL B 92 -10.59 -7.11 -5.51
N LEU B 93 -11.12 -8.10 -6.24
CA LEU B 93 -10.36 -8.72 -7.34
C LEU B 93 -9.93 -7.68 -8.35
N MET B 94 -10.83 -6.73 -8.65
CA MET B 94 -10.53 -5.66 -9.58
C MET B 94 -9.45 -4.73 -9.03
N ALA B 95 -9.58 -4.36 -7.76
CA ALA B 95 -8.57 -3.53 -7.12
C ALA B 95 -7.19 -4.21 -7.16
N GLN B 96 -7.16 -5.50 -6.90
CA GLN B 96 -5.90 -6.24 -6.88
C GLN B 96 -5.23 -6.20 -8.25
N ALA B 97 -6.03 -6.26 -9.29
CA ALA B 97 -5.53 -6.26 -10.67
C ALA B 97 -4.96 -4.90 -11.01
N LEU B 98 -5.71 -3.84 -10.69
CA LEU B 98 -5.21 -2.49 -10.82
C LEU B 98 -3.93 -2.27 -10.00
N GLU B 99 -3.90 -2.78 -8.76
CA GLU B 99 -2.75 -2.56 -7.91
C GLU B 99 -1.52 -3.27 -8.50
N LYS B 100 -1.74 -4.44 -9.10
CA LYS B 100 -0.64 -5.17 -9.73
C LYS B 100 -0.01 -4.31 -10.83
N LEU B 101 -0.86 -3.72 -11.66
CA LEU B 101 -0.37 -2.80 -12.70
C LEU B 101 0.37 -1.61 -12.10
N PHE B 102 -0.19 -1.02 -11.05
CA PHE B 102 0.45 0.06 -10.32
C PHE B 102 1.86 -0.34 -9.81
N MET B 103 1.95 -1.47 -9.13
CA MET B 103 3.25 -1.97 -8.65
C MET B 103 4.24 -2.14 -9.80
N GLN B 104 3.77 -2.72 -10.90
CA GLN B 104 4.63 -2.93 -12.07
C GLN B 104 5.19 -1.62 -12.60
N LYS B 105 4.32 -0.62 -12.75
CA LYS B 105 4.77 0.67 -13.26
C LYS B 105 5.67 1.37 -12.23
N LEU B 106 5.41 1.17 -10.95
CA LEU B 106 6.25 1.78 -9.92
C LEU B 106 7.64 1.15 -9.89
N SER B 107 7.73 -0.13 -10.26
CA SER B 107 9.00 -0.82 -10.30
C SER B 107 9.94 -0.24 -11.35
N GLN B 108 9.39 0.50 -12.30
CA GLN B 108 10.21 1.12 -13.34
C GLN B 108 10.32 2.63 -13.16
N MET B 109 10.04 3.09 -11.94
CA MET B 109 10.19 4.50 -11.59
C MET B 109 11.61 4.99 -11.90
N PRO B 110 11.72 6.02 -12.77
CA PRO B 110 13.05 6.56 -13.11
C PRO B 110 13.71 7.21 -11.91
N GLN B 111 15.04 7.19 -11.89
CA GLN B 111 15.80 7.82 -10.80
C GLN B 111 15.63 9.33 -10.88
N GLU B 112 15.61 9.96 -9.71
CA GLU B 112 15.47 11.42 -9.61
C GLU B 112 16.65 12.14 -10.27
C1 IBI C . -10.32 -20.27 22.24
C2 IBI C . -11.24 -21.09 23.18
C5 IBI C . -8.56 -20.18 23.85
C6 IBI C . -9.38 -20.94 24.91
C7 IBI C . -6.37 -17.66 21.09
C8 IBI C . -7.13 -18.66 21.99
C11 IBI C . -8.16 -15.89 21.44
C12 IBI C . -8.96 -16.89 22.32
C15 IBI C . -4.62 -13.36 19.06
C16 IBI C . -1.81 -13.45 19.01
C17 IBI C . -3.93 -14.11 20.03
C18 IBI C . -2.52 -14.17 19.99
C21 IBI C . -5.33 -10.57 12.58
N22 IBI C . -2.92 -10.24 12.04
C24 IBI C . -2.60 -10.75 13.30
C31 IBI C . -5.79 -11.94 11.98
C32 IBI C . -4.75 -13.08 12.00
C33 IBI C . -5.98 -10.67 15.06
C34 IBI C . -7.26 -9.80 14.80
C35 IBI C . -6.40 -12.13 15.46
C36 IBI C . -1.88 -9.74 11.16
C38 IBI C . 0.23 -14.23 20.00
C39 IBI C . -4.64 -14.88 20.98
O40 IBI C . -4.12 -15.24 22.06
O37 IBI C . -0.43 -13.49 18.94
C14 IBI C . -2.50 -12.70 18.05
N19 IBI C . -1.68 -12.09 17.14
C26 IBI C . -1.97 -11.67 15.88
N27 IBI C . -3.23 -11.37 15.52
C25 IBI C . -3.60 -10.91 14.29
N23 IBI C . -4.94 -10.64 14.01
N28 IBI C . -1.01 -11.52 14.94
C29 IBI C . -1.28 -11.08 13.69
C20 IBI C . -4.24 -10.09 11.69
O30 IBI C . -4.56 -9.58 10.58
C13 IBI C . -3.91 -12.64 18.09
N41 IBI C . -5.89 -15.35 20.65
C9 IBI C . -6.65 -16.19 21.51
C10 IBI C . -8.68 -18.41 22.00
N3 IBI C . -9.41 -19.34 22.95
N4 IBI C . -10.85 -20.97 24.62
C42 IBI C . -11.63 -21.83 25.55
C43 IBI C . -10.88 -23.10 26.05
C45 IBI C . -11.62 -24.04 27.01
C44 IBI C . -11.37 -24.46 25.55
C1 EDO D . -2.25 -22.03 0.17
O1 EDO D . -3.15 -21.55 1.19
C2 EDO D . -2.96 -23.01 -0.77
O2 EDO D . -3.98 -22.33 -1.51
C1 EDO E . -4.53 -7.42 -1.36
O1 EDO E . -3.97 -8.20 -2.42
C2 EDO E . -4.19 -8.04 -0.01
O2 EDO E . -2.77 -8.06 0.16
C1 EDO F . 9.38 -16.83 9.68
O1 EDO F . 9.48 -15.65 8.87
C2 EDO F . 10.59 -17.68 9.35
O2 EDO F . 11.37 -16.97 8.37
C1 EDO G . 17.98 12.98 -1.26
O1 EDO G . 16.98 12.03 -1.61
C2 EDO G . 19.08 12.27 -0.51
O2 EDO G . 19.45 11.09 -1.23
C1 EDO H . 23.58 -4.20 0.36
O1 EDO H . 23.25 -5.57 0.66
C2 EDO H . 22.49 -3.29 0.90
O2 EDO H . 22.37 -3.53 2.31
C1 EDO I . 2.46 13.32 7.96
O1 EDO I . 2.60 12.72 9.25
C2 EDO I . 3.50 14.43 7.83
O2 EDO I . 4.71 13.98 8.45
CL CL J . 4.16 -6.28 23.43
C1 IBI K . -31.67 -1.88 -6.48
C2 IBI K . -33.20 -1.63 -6.62
C5 IBI K . -31.63 -0.55 -4.39
C6 IBI K . -33.15 -0.34 -4.49
C7 IBI K . -27.54 0.86 -6.60
C8 IBI K . -29.07 0.67 -6.51
C11 IBI K . -27.24 -1.67 -6.45
C12 IBI K . -28.77 -1.86 -6.40
C15 IBI K . -22.68 -0.04 -7.60
C16 IBI K . -21.61 1.97 -9.26
C17 IBI K . -23.53 0.64 -8.50
C18 IBI K . -22.98 1.65 -9.32
C21 IBI K . -17.08 -0.33 -3.29
N22 IBI K . -15.56 1.23 -4.52
C24 IBI K . -16.56 1.40 -5.46
C31 IBI K . -17.85 0.45 -2.16
C32 IBI K . -18.31 1.88 -2.51
C33 IBI K . -18.92 -1.51 -4.66
C34 IBI K . -18.72 -2.88 -3.98
C35 IBI K . -20.34 -0.94 -4.26
C36 IBI K . -14.28 1.89 -4.71
C38 IBI K . -21.96 3.69 -10.85
C39 IBI K . -24.92 0.36 -8.51
O40 IBI K . -25.65 0.69 -9.46
O37 IBI K . -21.04 2.93 -10.05
C14 IBI K . -20.77 1.28 -8.38
N19 IBI K . -19.48 1.71 -8.41
C26 IBI K . -18.52 1.64 -7.44
N27 IBI K . -18.58 0.68 -6.49
C25 IBI K . -17.66 0.51 -5.51
N23 IBI K . -17.83 -0.49 -4.56
N28 IBI K . -17.46 2.47 -7.41
C29 IBI K . -16.50 2.38 -6.47
C20 IBI K . -15.77 0.35 -3.48
O30 IBI K . -14.86 0.12 -2.63
C13 IBI K . -21.31 0.27 -7.55
N41 IBI K . -25.48 -0.15 -7.37
C9 IBI K . -26.89 -0.39 -7.27
C10 IBI K . -29.50 -0.63 -5.77
N3 IBI K . -31.02 -0.72 -5.75
N4 IBI K . -33.82 -1.40 -5.29
C42 IBI K . -35.32 -1.31 -5.20
C43 IBI K . -36.10 -0.84 -6.44
C45 IBI K . -37.57 -0.46 -6.16
C44 IBI K . -36.57 0.62 -6.55
C1 EDO L . -6.43 2.16 5.72
O1 EDO L . -6.17 3.30 6.55
C2 EDO L . -7.54 2.49 4.73
O2 EDO L . -7.03 3.40 3.73
C1 EDO M . -17.01 13.34 8.95
O1 EDO M . -16.25 12.58 9.88
C2 EDO M . -16.48 13.13 7.53
O2 EDO M . -16.77 11.80 7.06
C1 EDO N . -12.43 13.07 -1.28
O1 EDO N . -12.98 12.17 -2.25
C2 EDO N . -10.97 13.37 -1.61
O2 EDO N . -10.43 14.26 -0.63
C1 EDO O . -5.45 10.30 -16.63
O1 EDO O . -4.48 11.03 -17.39
C2 EDO O . -6.76 10.22 -17.38
O2 EDO O . -7.23 11.55 -17.65
C1 EDO P . -24.86 0.28 3.48
O1 EDO P . -24.41 1.24 4.44
C2 EDO P . -24.80 -1.12 4.10
O2 EDO P . -23.44 -1.57 4.14
CL CL Q . -29.14 0.34 3.29
#